data_7F8G
#
_entry.id   7F8G
#
_cell.length_a   89.920
_cell.length_b   89.920
_cell.length_c   96.850
_cell.angle_alpha   90.000
_cell.angle_beta   90.000
_cell.angle_gamma   120.000
#
_symmetry.space_group_name_H-M   'P 31'
#
loop_
_entity.id
_entity.type
_entity.pdbx_description
1 polymer 'Eyes absent homolog 2'
2 non-polymer 3-phenoxy-~{N}-[(~{E})-(5-pyrimidin-2-ylsulfanylfuran-2-yl)methylideneamino]benzamide
#
_entity_poly.entity_id   1
_entity_poly.type   'polypeptide(L)'
_entity_poly.pdbx_seq_one_letter_code
;GPLGSPEFSKRSSDPSPAGDNEIERVFVWDLDETIIIFHSLLTGTFASRYGKDTTTSVRIGLMMEEMIFNLADTHLFFND
LEDCDQIHVDDVSSDDNGQDLSTYNFSADGFHSSAPGANLCLGSGVHGGVDWMRKLAFRYRRVKEMYNTYKNNVGGLIGT
PKRETWLQLRAELEALTDLWLTHSLKALNLINSRPNCVNVLVTTTQLIPALAKVLLYGLGSVFPIENIYSATKTGKESCF
ERIMQRFGRKAVYVVIGDGVEEEQGAKKHNMPFWRISCHADLEALRHALELEYL
;
_entity_poly.pdbx_strand_id   B,A
#
# COMPACT_ATOMS: atom_id res chain seq x y z
N ASN A 21 1.72 12.69 5.72
CA ASN A 21 1.33 12.35 4.37
C ASN A 21 1.67 13.46 3.37
N GLU A 22 1.22 13.28 2.13
CA GLU A 22 1.40 14.24 1.05
C GLU A 22 0.14 15.05 0.79
N ILE A 23 -0.87 14.92 1.64
CA ILE A 23 -2.13 15.62 1.42
C ILE A 23 -2.01 17.06 1.90
N GLU A 24 -2.56 17.98 1.12
CA GLU A 24 -2.55 19.40 1.43
C GLU A 24 -3.87 19.92 1.96
N ARG A 25 -4.98 19.49 1.36
CA ARG A 25 -6.31 19.90 1.80
C ARG A 25 -7.15 18.67 2.06
N VAL A 26 -7.85 18.66 3.19
CA VAL A 26 -8.67 17.53 3.62
C VAL A 26 -10.10 18.03 3.79
N PHE A 27 -11.04 17.35 3.15
CA PHE A 27 -12.46 17.71 3.22
C PHE A 27 -13.16 16.70 4.12
N VAL A 28 -13.72 17.17 5.22
CA VAL A 28 -14.43 16.32 6.17
C VAL A 28 -15.92 16.39 5.81
N TRP A 29 -16.54 15.22 5.64
CA TRP A 29 -17.92 15.13 5.20
C TRP A 29 -18.80 14.59 6.31
N ASP A 30 -20.02 15.11 6.39
CA ASP A 30 -21.05 14.63 7.31
C ASP A 30 -22.31 14.43 6.49
N LEU A 31 -22.43 13.27 5.87
CA LEU A 31 -23.54 12.97 4.98
C LEU A 31 -24.75 12.36 5.70
N ASP A 32 -24.80 12.45 7.02
CA ASP A 32 -26.01 12.06 7.74
C ASP A 32 -27.14 13.04 7.42
N GLU A 33 -28.34 12.72 7.92
CA GLU A 33 -29.54 13.53 7.71
C GLU A 33 -29.94 13.58 6.24
N THR A 34 -29.12 13.03 5.35
CA THR A 34 -29.43 13.01 3.92
C THR A 34 -29.09 11.68 3.27
N ILE A 35 -28.01 11.02 3.68
CA ILE A 35 -27.58 9.81 3.01
C ILE A 35 -27.42 8.64 3.96
N ILE A 36 -26.45 8.73 4.88
CA ILE A 36 -26.15 7.62 5.78
C ILE A 36 -27.33 7.39 6.73
N ILE A 37 -27.56 8.33 7.64
CA ILE A 37 -28.71 8.28 8.53
C ILE A 37 -29.79 9.13 7.86
N PHE A 38 -30.55 8.53 6.95
CA PHE A 38 -31.62 9.27 6.29
C PHE A 38 -32.92 8.98 7.02
N HIS A 39 -32.99 9.47 8.26
CA HIS A 39 -34.16 9.22 9.08
C HIS A 39 -35.37 10.03 8.64
N SER A 40 -35.18 11.03 7.77
CA SER A 40 -36.32 11.78 7.27
C SER A 40 -37.17 10.93 6.35
N LEU A 41 -36.57 9.93 5.70
CA LEU A 41 -37.33 8.99 4.89
C LEU A 41 -38.32 8.21 5.74
N LEU A 42 -37.82 7.56 6.79
CA LEU A 42 -38.64 6.62 7.56
C LEU A 42 -39.68 7.35 8.41
N THR A 43 -39.36 8.53 8.93
CA THR A 43 -40.36 9.27 9.68
C THR A 43 -41.43 9.85 8.76
N GLY A 44 -41.15 9.94 7.47
CA GLY A 44 -42.06 10.55 6.53
C GLY A 44 -42.01 12.06 6.48
N THR A 45 -41.17 12.68 7.31
CA THR A 45 -41.04 14.14 7.29
C THR A 45 -40.37 14.62 6.01
N PHE A 46 -39.53 13.79 5.39
CA PHE A 46 -38.94 14.12 4.10
C PHE A 46 -40.01 14.28 3.04
N ALA A 47 -40.97 13.37 3.00
CA ALA A 47 -42.03 13.42 2.00
C ALA A 47 -42.88 14.68 2.15
N SER A 48 -43.11 15.12 3.39
CA SER A 48 -43.91 16.32 3.61
C SER A 48 -43.14 17.58 3.26
N ARG A 49 -41.84 17.64 3.59
CA ARG A 49 -41.05 18.83 3.30
C ARG A 49 -40.96 19.06 1.80
N TYR A 50 -40.76 18.00 1.03
CA TYR A 50 -40.51 18.12 -0.40
C TYR A 50 -41.70 17.67 -1.24
N GLY A 51 -42.83 17.38 -0.60
CA GLY A 51 -44.06 17.10 -1.34
C GLY A 51 -44.04 15.83 -2.17
N LYS A 52 -43.55 14.74 -1.61
CA LYS A 52 -43.54 13.45 -2.27
C LYS A 52 -44.56 12.51 -1.60
N ASP A 53 -44.69 11.32 -2.17
CA ASP A 53 -45.64 10.33 -1.62
C ASP A 53 -45.10 9.77 -0.31
N THR A 54 -45.94 9.79 0.73
CA THR A 54 -45.50 9.31 2.04
C THR A 54 -45.31 7.79 2.03
N THR A 55 -46.30 7.05 1.53
CA THR A 55 -46.24 5.60 1.60
C THR A 55 -45.09 5.07 0.76
N THR A 56 -44.86 5.64 -0.42
CA THR A 56 -43.77 5.16 -1.27
C THR A 56 -42.42 5.48 -0.64
N SER A 57 -42.28 6.65 -0.02
CA SER A 57 -40.99 7.03 0.56
C SER A 57 -40.62 6.12 1.72
N VAL A 58 -41.59 5.78 2.58
CA VAL A 58 -41.30 4.89 3.69
C VAL A 58 -40.96 3.49 3.19
N ARG A 59 -41.65 3.03 2.13
CA ARG A 59 -41.38 1.69 1.62
C ARG A 59 -39.96 1.58 1.08
N ILE A 60 -39.47 2.63 0.42
CA ILE A 60 -38.11 2.61 -0.10
C ILE A 60 -37.12 2.61 1.06
N GLY A 61 -37.40 3.38 2.11
CA GLY A 61 -36.52 3.41 3.26
C GLY A 61 -36.54 2.12 4.06
N LEU A 62 -37.71 1.45 4.11
CA LEU A 62 -37.79 0.20 4.85
C LEU A 62 -37.08 -0.92 4.09
N MET A 63 -37.18 -0.91 2.77
CA MET A 63 -36.43 -1.88 1.96
C MET A 63 -34.93 -1.62 2.06
N MET A 64 -34.52 -0.36 2.03
CA MET A 64 -33.10 -0.02 2.11
C MET A 64 -32.50 -0.49 3.43
N GLU A 65 -33.13 -0.12 4.55
CA GLU A 65 -32.60 -0.50 5.85
C GLU A 65 -32.57 -2.01 6.04
N GLU A 66 -33.31 -2.76 5.23
CA GLU A 66 -33.25 -4.21 5.32
C GLU A 66 -32.05 -4.76 4.56
N MET A 67 -31.90 -4.39 3.29
CA MET A 67 -30.78 -4.89 2.50
C MET A 67 -29.44 -4.43 3.04
N ILE A 68 -29.41 -3.33 3.80
CA ILE A 68 -28.19 -2.91 4.49
C ILE A 68 -27.89 -3.86 5.63
N PHE A 69 -28.87 -4.08 6.52
CA PHE A 69 -28.62 -4.94 7.68
C PHE A 69 -28.50 -6.40 7.28
N ASN A 70 -29.03 -6.78 6.12
CA ASN A 70 -28.87 -8.15 5.66
C ASN A 70 -27.44 -8.41 5.17
N LEU A 71 -26.78 -7.37 4.66
CA LEU A 71 -25.39 -7.52 4.24
C LEU A 71 -24.45 -7.51 5.43
N ALA A 72 -24.74 -6.66 6.42
CA ALA A 72 -23.87 -6.57 7.59
C ALA A 72 -23.93 -7.84 8.42
N ASP A 73 -25.07 -8.54 8.43
CA ASP A 73 -25.19 -9.78 9.21
C ASP A 73 -24.56 -10.97 8.52
N THR A 74 -24.46 -10.95 7.18
CA THR A 74 -23.91 -12.08 6.44
C THR A 74 -22.52 -11.81 5.88
N HIS A 75 -22.00 -10.60 6.03
CA HIS A 75 -20.68 -10.27 5.47
C HIS A 75 -19.79 -9.46 6.40
N LEU A 76 -20.33 -8.57 7.23
CA LEU A 76 -19.52 -7.62 7.99
C LEU A 76 -19.65 -7.84 9.50
N PHE A 77 -20.10 -9.02 9.92
CA PHE A 77 -20.12 -9.41 11.33
C PHE A 77 -20.93 -8.44 12.20
N PHE A 78 -22.13 -8.09 11.72
CA PHE A 78 -22.94 -7.12 12.46
C PHE A 78 -23.35 -7.66 13.82
N ASN A 79 -23.76 -8.93 13.87
CA ASN A 79 -24.18 -9.51 15.14
C ASN A 79 -23.00 -9.71 16.09
N ASP A 80 -21.81 -10.03 15.57
CA ASP A 80 -20.64 -10.10 16.42
C ASP A 80 -20.25 -8.72 16.95
N LEU A 81 -20.06 -7.76 16.03
CA LEU A 81 -19.55 -6.44 16.37
C LEU A 81 -20.65 -5.44 16.67
N GLU A 82 -21.82 -5.90 17.12
CA GLU A 82 -22.94 -5.00 17.35
C GLU A 82 -22.66 -4.05 18.51
N ASP A 83 -22.27 -4.59 19.66
CA ASP A 83 -21.97 -3.78 20.83
C ASP A 83 -20.53 -3.30 20.86
N CYS A 84 -19.59 -4.09 20.33
CA CYS A 84 -18.19 -3.70 20.31
C CYS A 84 -17.94 -2.67 19.21
N ASP A 85 -18.72 -1.60 19.21
CA ASP A 85 -18.66 -0.59 18.16
C ASP A 85 -17.42 0.28 18.35
N GLN A 86 -16.42 0.09 17.51
CA GLN A 86 -15.22 0.90 17.55
C GLN A 86 -15.49 2.23 16.86
N ILE A 87 -14.45 3.06 16.71
CA ILE A 87 -14.56 4.36 16.07
C ILE A 87 -13.81 4.39 14.74
N HIS A 88 -12.67 3.71 14.67
CA HIS A 88 -11.94 3.54 13.43
C HIS A 88 -11.67 2.06 13.19
N VAL A 89 -11.54 1.69 11.92
CA VAL A 89 -11.39 0.28 11.55
C VAL A 89 -10.02 -0.25 11.95
N ASP A 90 -9.02 0.61 12.03
CA ASP A 90 -7.67 0.21 12.40
C ASP A 90 -7.36 0.39 13.88
N ASP A 91 -8.39 0.54 14.73
CA ASP A 91 -8.14 0.81 16.14
C ASP A 91 -7.49 -0.37 16.84
N VAL A 92 -7.97 -1.58 16.58
CA VAL A 92 -7.44 -2.75 17.28
C VAL A 92 -6.34 -3.39 16.44
N SER A 93 -5.67 -2.58 15.61
CA SER A 93 -4.58 -3.07 14.77
C SER A 93 -3.38 -3.53 15.58
N SER A 94 -3.34 -3.22 16.88
CA SER A 94 -2.20 -3.61 17.71
C SER A 94 -2.31 -5.06 18.16
N ASP A 95 -3.52 -5.57 18.37
CA ASP A 95 -3.71 -6.95 18.79
C ASP A 95 -3.79 -7.93 17.62
N ASP A 96 -3.48 -7.48 16.40
CA ASP A 96 -3.60 -8.31 15.20
C ASP A 96 -2.25 -8.92 14.87
N ASN A 97 -2.05 -10.18 15.26
CA ASN A 97 -0.90 -10.96 14.80
C ASN A 97 -1.21 -11.41 13.38
N GLY A 98 -0.96 -10.50 12.44
CA GLY A 98 -1.37 -10.62 11.05
C GLY A 98 -1.15 -11.99 10.43
N GLN A 99 -2.24 -12.68 10.11
CA GLN A 99 -2.19 -14.04 9.63
C GLN A 99 -3.13 -14.23 8.46
N ASP A 100 -2.83 -15.21 7.61
CA ASP A 100 -3.73 -15.54 6.52
C ASP A 100 -4.99 -16.15 7.13
N LEU A 101 -6.08 -15.39 7.09
CA LEU A 101 -7.35 -15.80 7.67
C LEU A 101 -8.35 -16.23 6.60
N SER A 102 -7.85 -16.54 5.39
CA SER A 102 -8.68 -17.15 4.38
C SER A 102 -9.21 -18.51 4.82
N THR A 103 -8.54 -19.13 5.80
CA THR A 103 -9.01 -20.38 6.40
C THR A 103 -9.54 -20.22 7.82
N TYR A 104 -9.34 -19.05 8.43
CA TYR A 104 -9.77 -18.86 9.82
C TYR A 104 -11.27 -19.01 9.91
N ASN A 105 -11.73 -19.96 10.72
CA ASN A 105 -13.15 -20.23 10.89
C ASN A 105 -13.67 -19.36 12.03
N PHE A 106 -14.43 -18.32 11.69
CA PHE A 106 -14.97 -17.43 12.70
C PHE A 106 -16.10 -18.08 13.50
N SER A 107 -16.79 -19.05 12.90
CA SER A 107 -17.90 -19.67 13.60
C SER A 107 -17.40 -20.58 14.72
N ALA A 108 -16.13 -20.99 14.69
CA ALA A 108 -15.54 -21.84 15.71
C ALA A 108 -14.29 -21.14 16.28
N ASP A 109 -14.51 -20.12 17.10
CA ASP A 109 -13.44 -19.50 17.87
C ASP A 109 -14.01 -19.08 19.22
N GLY A 110 -13.19 -18.45 20.04
CA GLY A 110 -13.61 -18.09 21.38
C GLY A 110 -14.39 -16.79 21.47
N PHE A 111 -15.09 -16.42 20.40
CA PHE A 111 -15.85 -15.18 20.39
C PHE A 111 -17.25 -15.41 20.94
N HIS A 112 -17.72 -14.45 21.73
CA HIS A 112 -19.06 -14.50 22.31
C HIS A 112 -19.46 -13.08 22.71
N SER A 113 -20.66 -12.68 22.31
CA SER A 113 -21.21 -11.36 22.63
C SER A 113 -20.25 -10.22 22.24
N GLY A 129 -9.06 -9.21 27.78
CA GLY A 129 -9.29 -10.23 26.77
C GLY A 129 -8.28 -10.19 25.64
N VAL A 130 -6.99 -10.39 25.97
CA VAL A 130 -5.95 -10.31 24.95
C VAL A 130 -6.17 -11.35 23.86
N ASP A 131 -6.68 -12.53 24.24
CA ASP A 131 -7.02 -13.53 23.24
C ASP A 131 -8.37 -13.27 22.61
N TRP A 132 -9.19 -12.42 23.25
CA TRP A 132 -10.49 -12.02 22.73
C TRP A 132 -10.36 -10.82 21.79
N MET A 133 -9.47 -9.88 22.08
CA MET A 133 -9.27 -8.75 21.18
C MET A 133 -8.69 -9.20 19.85
N ARG A 134 -7.89 -10.28 19.86
CA ARG A 134 -7.33 -10.78 18.60
C ARG A 134 -8.43 -11.30 17.69
N LYS A 135 -9.37 -12.08 18.23
CA LYS A 135 -10.51 -12.51 17.43
C LYS A 135 -11.36 -11.32 16.98
N LEU A 136 -11.48 -10.30 17.83
CA LEU A 136 -12.21 -9.10 17.43
C LEU A 136 -11.46 -8.34 16.34
N ALA A 137 -10.13 -8.27 16.44
CA ALA A 137 -9.35 -7.50 15.47
C ALA A 137 -9.33 -8.19 14.11
N PHE A 138 -9.29 -9.53 14.08
CA PHE A 138 -9.32 -10.24 12.81
C PHE A 138 -10.58 -9.91 12.02
N ARG A 139 -11.71 -9.79 12.72
CA ARG A 139 -12.98 -9.53 12.04
C ARG A 139 -12.96 -8.19 11.32
N TYR A 140 -12.39 -7.16 11.95
CA TYR A 140 -12.33 -5.86 11.29
C TYR A 140 -11.40 -5.87 10.07
N ARG A 141 -10.33 -6.67 10.11
CA ARG A 141 -9.51 -6.80 8.91
C ARG A 141 -10.24 -7.57 7.83
N ARG A 142 -11.06 -8.56 8.20
CA ARG A 142 -11.89 -9.24 7.22
C ARG A 142 -12.93 -8.28 6.65
N VAL A 143 -13.48 -7.40 7.49
CA VAL A 143 -14.37 -6.35 7.00
C VAL A 143 -13.62 -5.45 6.03
N LYS A 144 -12.39 -5.08 6.38
CA LYS A 144 -11.59 -4.24 5.49
C LYS A 144 -11.30 -4.93 4.17
N GLU A 145 -11.05 -6.24 4.22
CA GLU A 145 -10.80 -6.99 2.99
C GLU A 145 -12.03 -6.96 2.07
N MET A 146 -13.22 -7.08 2.66
CA MET A 146 -14.44 -7.01 1.85
C MET A 146 -14.60 -5.63 1.23
N TYR A 147 -14.25 -4.58 1.97
CA TYR A 147 -14.42 -3.21 1.46
C TYR A 147 -13.52 -2.97 0.25
N ASN A 148 -12.22 -3.14 0.42
CA ASN A 148 -11.29 -2.89 -0.67
C ASN A 148 -11.47 -3.84 -1.85
N THR A 149 -12.22 -4.93 -1.68
CA THR A 149 -12.41 -5.89 -2.75
C THR A 149 -13.67 -5.63 -3.58
N TYR A 150 -14.79 -5.36 -2.92
CA TYR A 150 -16.08 -5.27 -3.61
C TYR A 150 -16.65 -3.86 -3.62
N LYS A 151 -15.82 -2.83 -3.42
CA LYS A 151 -16.34 -1.47 -3.38
C LYS A 151 -16.61 -0.89 -4.75
N ASN A 152 -15.97 -1.42 -5.80
CA ASN A 152 -16.28 -1.06 -7.17
C ASN A 152 -16.96 -2.20 -7.93
N ASN A 153 -17.32 -3.29 -7.23
CA ASN A 153 -17.96 -4.46 -7.82
C ASN A 153 -18.94 -5.01 -6.80
N VAL A 154 -20.05 -4.31 -6.62
CA VAL A 154 -21.07 -4.75 -5.68
C VAL A 154 -21.86 -5.93 -6.23
N GLY A 155 -22.04 -6.01 -7.55
CA GLY A 155 -22.76 -7.13 -8.12
C GLY A 155 -22.12 -8.47 -7.86
N GLY A 156 -20.80 -8.49 -7.67
CA GLY A 156 -20.13 -9.71 -7.25
C GLY A 156 -20.20 -9.98 -5.78
N LEU A 157 -20.44 -8.94 -4.97
CA LEU A 157 -20.61 -9.12 -3.53
C LEU A 157 -21.99 -9.67 -3.21
N ILE A 158 -23.03 -8.89 -3.49
CA ILE A 158 -24.41 -9.36 -3.44
C ILE A 158 -24.74 -9.87 -4.84
N GLY A 159 -24.83 -11.19 -4.98
CA GLY A 159 -25.04 -11.76 -6.30
C GLY A 159 -26.34 -11.27 -6.92
N THR A 160 -26.31 -11.04 -8.23
CA THR A 160 -27.52 -10.71 -8.96
C THR A 160 -28.54 -11.84 -8.80
N PRO A 161 -29.84 -11.54 -8.90
CA PRO A 161 -30.50 -10.29 -9.28
C PRO A 161 -30.59 -9.26 -8.16
N LYS A 162 -29.95 -9.51 -7.02
CA LYS A 162 -30.01 -8.55 -5.92
C LYS A 162 -29.42 -7.20 -6.30
N ARG A 163 -28.72 -7.09 -7.42
CA ARG A 163 -28.22 -5.80 -7.90
C ARG A 163 -29.25 -5.08 -8.77
N GLU A 164 -29.91 -5.81 -9.67
CA GLU A 164 -30.91 -5.17 -10.53
C GLU A 164 -32.09 -4.65 -9.71
N THR A 165 -32.59 -5.46 -8.77
CA THR A 165 -33.64 -5.00 -7.87
C THR A 165 -33.17 -3.82 -7.03
N TRP A 166 -31.90 -3.81 -6.64
CA TRP A 166 -31.37 -2.76 -5.77
C TRP A 166 -30.92 -1.53 -6.53
N LEU A 167 -30.39 -1.69 -7.75
CA LEU A 167 -30.13 -0.51 -8.57
C LEU A 167 -31.43 0.11 -9.06
N GLN A 168 -32.48 -0.70 -9.19
CA GLN A 168 -33.82 -0.16 -9.41
C GLN A 168 -34.27 0.71 -8.24
N LEU A 169 -33.85 0.36 -7.03
CA LEU A 169 -34.22 1.13 -5.85
C LEU A 169 -33.60 2.52 -5.83
N ARG A 170 -32.40 2.66 -6.40
CA ARG A 170 -31.73 3.96 -6.47
C ARG A 170 -32.57 4.95 -7.27
N ALA A 171 -32.92 4.59 -8.50
CA ALA A 171 -33.73 5.48 -9.33
C ALA A 171 -35.09 5.74 -8.69
N GLU A 172 -35.62 4.77 -7.94
CA GLU A 172 -36.88 4.97 -7.24
C GLU A 172 -36.76 6.03 -6.15
N LEU A 173 -35.60 6.13 -5.53
CA LEU A 173 -35.37 7.13 -4.48
C LEU A 173 -34.79 8.42 -5.04
N GLU A 174 -33.82 8.32 -5.95
CA GLU A 174 -33.26 9.52 -6.55
C GLU A 174 -34.29 10.30 -7.36
N ALA A 175 -35.41 9.68 -7.70
CA ALA A 175 -36.51 10.40 -8.33
C ALA A 175 -37.27 11.27 -7.34
N LEU A 176 -37.14 11.00 -6.05
CA LEU A 176 -37.74 11.82 -5.02
C LEU A 176 -36.78 12.87 -4.46
N THR A 177 -35.49 12.58 -4.45
CA THR A 177 -34.48 13.51 -3.97
C THR A 177 -33.77 14.26 -5.09
N ASP A 178 -34.28 14.15 -6.32
CA ASP A 178 -33.72 14.85 -7.48
C ASP A 178 -32.23 14.54 -7.65
N LEU A 179 -31.90 13.24 -7.60
CA LEU A 179 -30.56 12.73 -7.88
C LEU A 179 -29.54 13.35 -6.93
N TRP A 180 -29.80 13.21 -5.63
CA TRP A 180 -28.93 13.81 -4.63
C TRP A 180 -27.62 13.03 -4.52
N LEU A 181 -27.71 11.70 -4.42
CA LEU A 181 -26.50 10.90 -4.28
C LEU A 181 -25.62 11.02 -5.52
N THR A 182 -26.24 11.06 -6.70
CA THR A 182 -25.47 11.29 -7.92
C THR A 182 -24.78 12.65 -7.88
N HIS A 183 -25.52 13.68 -7.43
CA HIS A 183 -24.98 15.04 -7.39
C HIS A 183 -23.81 15.15 -6.40
N SER A 184 -23.97 14.59 -5.20
CA SER A 184 -22.90 14.65 -4.22
C SER A 184 -21.73 13.76 -4.61
N LEU A 185 -21.96 12.73 -5.43
CA LEU A 185 -20.85 11.94 -5.96
C LEU A 185 -20.00 12.76 -6.93
N LYS A 186 -20.61 13.70 -7.65
CA LYS A 186 -19.82 14.56 -8.52
C LYS A 186 -18.88 15.45 -7.72
N ALA A 187 -19.36 16.04 -6.63
CA ALA A 187 -18.50 16.87 -5.81
C ALA A 187 -17.39 16.05 -5.15
N LEU A 188 -17.65 14.78 -4.85
CA LEU A 188 -16.64 13.93 -4.24
C LEU A 188 -15.59 13.47 -5.25
N ASN A 189 -16.01 13.07 -6.45
CA ASN A 189 -15.05 12.69 -7.48
C ASN A 189 -14.27 13.89 -8.01
N LEU A 190 -14.87 15.08 -7.94
CA LEU A 190 -14.13 16.28 -8.30
C LEU A 190 -13.06 16.61 -7.27
N ILE A 191 -13.10 15.93 -6.13
CA ILE A 191 -12.09 16.04 -5.08
C ILE A 191 -11.17 14.82 -5.07
N ASN A 192 -11.76 13.63 -5.26
CA ASN A 192 -10.98 12.39 -5.17
C ASN A 192 -9.90 12.34 -6.25
N SER A 193 -10.16 12.94 -7.42
CA SER A 193 -9.18 12.93 -8.49
C SER A 193 -8.02 13.88 -8.24
N ARG A 194 -8.15 14.80 -7.28
CA ARG A 194 -7.05 15.71 -6.95
C ARG A 194 -6.01 14.99 -6.09
N PRO A 195 -4.73 15.00 -6.50
CA PRO A 195 -3.73 14.26 -5.73
C PRO A 195 -3.38 14.91 -4.39
N ASN A 196 -3.53 16.22 -4.28
CA ASN A 196 -3.25 16.92 -3.03
C ASN A 196 -4.48 17.06 -2.13
N CYS A 197 -5.66 16.72 -2.63
CA CYS A 197 -6.89 16.83 -1.87
C CYS A 197 -7.39 15.42 -1.53
N VAL A 198 -8.10 15.32 -0.40
CA VAL A 198 -8.70 14.06 0.03
C VAL A 198 -10.00 14.36 0.76
N ASN A 199 -10.82 13.33 0.93
CA ASN A 199 -12.09 13.44 1.65
C ASN A 199 -12.22 12.32 2.67
N VAL A 200 -12.83 12.65 3.81
CA VAL A 200 -13.11 11.70 4.88
C VAL A 200 -14.58 11.82 5.26
N LEU A 201 -15.07 10.81 5.99
CA LEU A 201 -16.47 10.73 6.39
C LEU A 201 -16.57 10.60 7.91
N VAL A 202 -17.46 11.38 8.52
CA VAL A 202 -17.69 11.35 9.97
C VAL A 202 -19.19 11.22 10.21
N THR A 203 -19.65 10.02 10.57
CA THR A 203 -21.05 9.75 10.87
C THR A 203 -21.20 9.29 12.31
N THR A 204 -22.46 9.24 12.77
CA THR A 204 -22.78 8.78 14.12
C THR A 204 -23.33 7.37 14.16
N THR A 205 -23.62 6.76 13.00
CA THR A 205 -23.95 5.34 13.03
C THR A 205 -22.74 4.54 13.51
N GLN A 206 -23.02 3.32 13.94
CA GLN A 206 -21.93 2.41 14.27
C GLN A 206 -21.09 2.16 13.03
N LEU A 207 -19.83 1.78 13.25
CA LEU A 207 -18.89 1.71 12.12
C LEU A 207 -19.35 0.68 11.09
N ILE A 208 -19.77 -0.50 11.53
CA ILE A 208 -20.15 -1.55 10.58
C ILE A 208 -21.38 -1.18 9.76
N PRO A 209 -22.48 -0.70 10.34
CA PRO A 209 -23.60 -0.27 9.48
C PRO A 209 -23.25 0.89 8.58
N ALA A 210 -22.42 1.82 9.05
CA ALA A 210 -21.97 2.92 8.20
C ALA A 210 -21.16 2.42 7.02
N LEU A 211 -20.27 1.45 7.26
CA LEU A 211 -19.50 0.85 6.17
C LEU A 211 -20.39 0.09 5.21
N ALA A 212 -21.46 -0.53 5.71
CA ALA A 212 -22.37 -1.26 4.83
C ALA A 212 -23.09 -0.29 3.89
N LYS A 213 -23.49 0.87 4.41
CA LYS A 213 -24.16 1.87 3.57
C LYS A 213 -23.20 2.46 2.56
N VAL A 214 -22.02 2.90 3.02
CA VAL A 214 -21.03 3.50 2.12
C VAL A 214 -20.63 2.53 1.02
N LEU A 215 -20.48 1.25 1.39
CA LEU A 215 -20.18 0.22 0.40
C LEU A 215 -21.30 0.12 -0.62
N LEU A 216 -22.52 -0.09 -0.13
CA LEU A 216 -23.66 -0.30 -1.01
C LEU A 216 -23.99 0.96 -1.81
N TYR A 217 -24.23 2.08 -1.11
CA TYR A 217 -24.66 3.31 -1.78
C TYR A 217 -23.73 3.75 -2.91
N GLY A 218 -22.51 3.22 -2.98
CA GLY A 218 -21.61 3.56 -4.06
C GLY A 218 -20.54 4.58 -3.70
N LEU A 219 -20.51 5.03 -2.45
CA LEU A 219 -19.54 6.01 -1.98
C LEU A 219 -18.17 5.41 -1.73
N GLY A 220 -17.96 4.12 -2.05
CA GLY A 220 -16.67 3.51 -1.78
C GLY A 220 -15.55 3.97 -2.70
N SER A 221 -15.89 4.34 -3.94
CA SER A 221 -14.87 4.80 -4.86
C SER A 221 -14.24 6.11 -4.41
N VAL A 222 -15.00 6.95 -3.71
CA VAL A 222 -14.51 8.24 -3.27
C VAL A 222 -14.04 8.23 -1.81
N PHE A 223 -14.43 7.23 -1.01
CA PHE A 223 -14.03 7.17 0.39
C PHE A 223 -13.11 5.98 0.62
N PRO A 224 -11.82 6.19 0.85
CA PRO A 224 -10.98 5.09 1.34
C PRO A 224 -11.44 4.67 2.74
N ILE A 225 -11.41 3.37 2.99
CA ILE A 225 -11.97 2.84 4.24
C ILE A 225 -11.23 3.39 5.46
N GLU A 226 -9.95 3.72 5.31
CA GLU A 226 -9.19 4.31 6.40
C GLU A 226 -9.62 5.73 6.74
N ASN A 227 -10.56 6.30 6.00
CA ASN A 227 -11.01 7.69 6.18
C ASN A 227 -12.47 7.77 6.59
N ILE A 228 -12.93 6.84 7.42
CA ILE A 228 -14.30 6.81 7.89
C ILE A 228 -14.28 6.68 9.40
N TYR A 229 -14.94 7.62 10.09
CA TYR A 229 -14.96 7.65 11.55
C TYR A 229 -16.40 7.57 12.05
N SER A 230 -16.61 6.82 13.13
CA SER A 230 -17.91 6.62 13.73
C SER A 230 -17.98 7.43 15.03
N ALA A 231 -18.72 8.53 15.01
CA ALA A 231 -18.87 9.42 16.15
C ALA A 231 -19.97 8.96 17.10
N THR A 232 -20.19 7.65 17.23
CA THR A 232 -21.30 7.16 18.04
C THR A 232 -21.10 7.47 19.51
N LYS A 233 -20.06 6.90 20.12
CA LYS A 233 -19.83 7.08 21.54
C LYS A 233 -19.02 8.33 21.86
N THR A 234 -18.30 8.90 20.89
CA THR A 234 -17.36 9.97 21.15
C THR A 234 -17.81 11.35 20.68
N GLY A 235 -18.81 11.44 19.80
CA GLY A 235 -19.21 12.72 19.26
C GLY A 235 -18.34 13.16 18.10
N LYS A 236 -18.91 14.04 17.27
CA LYS A 236 -18.21 14.46 16.05
C LYS A 236 -17.05 15.41 16.33
N GLU A 237 -17.06 16.10 17.47
CA GLU A 237 -15.94 16.97 17.80
C GLU A 237 -14.68 16.15 18.05
N SER A 238 -14.79 15.10 18.87
CA SER A 238 -13.65 14.24 19.14
C SER A 238 -13.17 13.53 17.88
N CYS A 239 -14.09 13.21 16.96
CA CYS A 239 -13.67 12.65 15.69
C CYS A 239 -12.98 13.69 14.81
N PHE A 240 -13.35 14.95 14.95
CA PHE A 240 -12.66 16.01 14.23
C PHE A 240 -11.23 16.17 14.74
N GLU A 241 -11.06 16.22 16.06
CA GLU A 241 -9.73 16.34 16.64
C GLU A 241 -8.86 15.15 16.26
N ARG A 242 -9.44 13.95 16.18
CA ARG A 242 -8.67 12.78 15.79
C ARG A 242 -8.21 12.86 14.34
N ILE A 243 -8.97 13.54 13.48
CA ILE A 243 -8.57 13.69 12.08
C ILE A 243 -7.41 14.65 11.98
N MET A 244 -7.50 15.80 12.66
CA MET A 244 -6.45 16.82 12.56
C MET A 244 -5.13 16.32 13.10
N GLN A 245 -5.17 15.52 14.16
CA GLN A 245 -3.93 14.96 14.71
C GLN A 245 -3.26 14.02 13.72
N ARG A 246 -4.02 13.38 12.84
CA ARG A 246 -3.44 12.47 11.86
C ARG A 246 -2.77 13.21 10.71
N PHE A 247 -3.40 14.24 10.18
CA PHE A 247 -2.92 14.92 8.98
C PHE A 247 -1.97 16.08 9.28
N GLY A 248 -1.88 16.52 10.53
CA GLY A 248 -0.97 17.59 10.89
C GLY A 248 -1.60 18.96 10.76
N ARG A 249 -0.73 19.97 10.89
CA ARG A 249 -1.16 21.37 10.87
C ARG A 249 -0.88 22.06 9.55
N LYS A 250 -0.09 21.45 8.67
CA LYS A 250 0.26 22.08 7.39
C LYS A 250 -0.83 21.88 6.35
N ALA A 251 -1.98 21.32 6.74
CA ALA A 251 -3.06 21.02 5.82
C ALA A 251 -4.24 21.97 6.05
N VAL A 252 -5.08 22.08 5.02
CA VAL A 252 -6.28 22.90 5.05
C VAL A 252 -7.46 21.98 5.31
N TYR A 253 -8.10 22.14 6.47
CA TYR A 253 -9.25 21.32 6.84
C TYR A 253 -10.53 22.09 6.56
N VAL A 254 -11.43 21.47 5.80
CA VAL A 254 -12.74 22.03 5.46
C VAL A 254 -13.80 21.01 5.80
N VAL A 255 -14.89 21.45 6.45
CA VAL A 255 -15.99 20.58 6.82
C VAL A 255 -17.16 20.86 5.87
N ILE A 256 -17.69 19.79 5.28
CA ILE A 256 -18.80 19.86 4.32
C ILE A 256 -19.87 18.92 4.82
N GLY A 257 -20.98 19.47 5.31
CA GLY A 257 -22.05 18.62 5.79
C GLY A 257 -23.36 19.36 5.97
N ASP A 258 -24.33 18.64 6.50
CA ASP A 258 -25.68 19.14 6.75
C ASP A 258 -26.04 18.93 8.22
N GLY A 259 -26.77 19.86 8.79
CA GLY A 259 -27.22 19.78 10.15
C GLY A 259 -26.46 20.71 11.07
N VAL A 260 -26.56 20.43 12.37
CA VAL A 260 -25.98 21.32 13.38
C VAL A 260 -24.94 20.65 14.26
N GLU A 261 -24.87 19.31 14.32
CA GLU A 261 -23.91 18.68 15.22
C GLU A 261 -22.47 18.97 14.80
N GLU A 262 -22.19 18.91 13.51
CA GLU A 262 -20.84 19.16 13.01
C GLU A 262 -20.59 20.62 12.71
N GLU A 263 -21.61 21.47 12.74
CA GLU A 263 -21.40 22.90 12.55
C GLU A 263 -20.71 23.51 13.76
N GLN A 264 -21.19 23.18 14.96
CA GLN A 264 -20.51 23.63 16.18
C GLN A 264 -19.18 22.91 16.38
N GLY A 265 -19.10 21.65 15.94
CA GLY A 265 -17.83 20.94 16.03
C GLY A 265 -16.78 21.50 15.09
N ALA A 266 -17.21 22.09 13.97
CA ALA A 266 -16.29 22.74 13.04
C ALA A 266 -16.03 24.20 13.39
N LYS A 267 -16.93 24.84 14.15
CA LYS A 267 -16.73 26.23 14.54
C LYS A 267 -15.68 26.35 15.65
N LYS A 268 -15.84 25.57 16.72
CA LYS A 268 -14.90 25.61 17.83
C LYS A 268 -13.53 25.03 17.47
N HIS A 269 -13.35 24.54 16.25
CA HIS A 269 -12.04 24.13 15.76
C HIS A 269 -11.59 24.98 14.57
N ASN A 270 -12.27 26.11 14.33
CA ASN A 270 -11.91 27.06 13.26
C ASN A 270 -11.80 26.37 11.90
N MET A 271 -12.66 25.41 11.67
CA MET A 271 -12.64 24.77 10.37
C MET A 271 -13.75 25.36 9.51
N PRO A 272 -13.45 25.81 8.29
CA PRO A 272 -14.50 26.38 7.44
C PRO A 272 -15.60 25.38 7.16
N PHE A 273 -16.81 25.70 7.63
CA PHE A 273 -17.96 24.84 7.46
C PHE A 273 -18.68 25.15 6.16
N TRP A 274 -19.06 24.10 5.43
CA TRP A 274 -19.78 24.19 4.16
C TRP A 274 -21.15 23.56 4.31
N ARG A 275 -22.17 24.40 4.49
CA ARG A 275 -23.54 23.91 4.53
C ARG A 275 -23.89 23.24 3.21
N ILE A 276 -24.80 22.28 3.26
CA ILE A 276 -25.10 21.45 2.09
C ILE A 276 -26.59 21.15 2.03
N SER A 277 -27.40 21.97 2.71
CA SER A 277 -28.83 21.70 2.85
C SER A 277 -29.54 21.62 1.51
N CYS A 278 -29.57 22.72 0.77
CA CYS A 278 -30.34 22.80 -0.46
C CYS A 278 -29.64 22.05 -1.60
N HIS A 279 -30.37 21.87 -2.71
CA HIS A 279 -29.76 21.27 -3.90
C HIS A 279 -28.84 22.26 -4.61
N ALA A 280 -29.15 23.55 -4.51
CA ALA A 280 -28.32 24.59 -5.13
C ALA A 280 -27.03 24.83 -4.37
N ASP A 281 -26.98 24.48 -3.09
CA ASP A 281 -25.74 24.57 -2.33
C ASP A 281 -24.68 23.59 -2.84
N LEU A 282 -25.10 22.49 -3.49
CA LEU A 282 -24.15 21.55 -4.04
C LEU A 282 -23.58 22.02 -5.37
N GLU A 283 -24.40 22.67 -6.21
CA GLU A 283 -23.89 23.22 -7.45
C GLU A 283 -22.80 24.25 -7.19
N ALA A 284 -22.93 24.99 -6.09
CA ALA A 284 -21.89 25.95 -5.72
C ALA A 284 -20.64 25.26 -5.22
N LEU A 285 -20.77 24.10 -4.57
CA LEU A 285 -19.61 23.38 -4.10
C LEU A 285 -18.78 22.86 -5.28
N ARG A 286 -19.44 22.33 -6.31
CA ARG A 286 -18.73 21.95 -7.52
C ARG A 286 -18.10 23.16 -8.21
N HIS A 287 -18.90 24.21 -8.41
CA HIS A 287 -18.40 25.38 -9.13
CA HIS A 287 -18.40 25.38 -9.13
C HIS A 287 -17.23 26.04 -8.40
N ALA A 288 -17.18 25.90 -7.07
CA ALA A 288 -16.07 26.45 -6.29
C ALA A 288 -14.83 25.56 -6.33
N LEU A 289 -14.99 24.29 -6.68
CA LEU A 289 -13.87 23.38 -6.88
C LEU A 289 -13.42 23.33 -8.32
N GLU A 290 -14.32 23.56 -9.27
CA GLU A 290 -13.94 23.68 -10.66
C GLU A 290 -12.93 24.81 -10.86
N LEU A 291 -13.14 25.93 -10.18
CA LEU A 291 -12.32 27.13 -10.33
C LEU A 291 -11.24 27.24 -9.26
N GLU A 292 -10.96 26.14 -8.55
CA GLU A 292 -9.88 26.08 -7.56
C GLU A 292 -10.05 27.13 -6.47
N TYR A 293 -11.28 27.56 -6.21
CA TYR A 293 -11.55 28.46 -5.09
C TYR A 293 -11.43 27.77 -3.73
N LEU A 294 -11.38 26.44 -3.70
CA LEU A 294 -11.15 25.70 -2.46
C LEU A 294 -9.82 24.96 -2.51
N GLU B 22 30.79 14.40 -13.03
CA GLU B 22 30.53 13.03 -12.59
C GLU B 22 29.72 13.00 -11.30
N ILE B 23 29.81 11.90 -10.57
CA ILE B 23 29.07 11.73 -9.32
C ILE B 23 29.81 12.40 -8.18
N GLU B 24 29.07 13.06 -7.29
CA GLU B 24 29.65 13.75 -6.16
C GLU B 24 29.49 12.99 -4.85
N ARG B 25 28.32 12.40 -4.61
CA ARG B 25 28.05 11.62 -3.40
C ARG B 25 27.56 10.24 -3.81
N VAL B 26 28.10 9.20 -3.16
CA VAL B 26 27.78 7.82 -3.46
C VAL B 26 27.23 7.15 -2.20
N PHE B 27 26.06 6.53 -2.32
CA PHE B 27 25.41 5.83 -1.21
C PHE B 27 25.49 4.33 -1.44
N VAL B 28 26.12 3.62 -0.51
CA VAL B 28 26.23 2.17 -0.54
C VAL B 28 25.13 1.57 0.33
N TRP B 29 24.39 0.61 -0.23
CA TRP B 29 23.25 0.02 0.44
C TRP B 29 23.52 -1.42 0.82
N ASP B 30 22.99 -1.82 1.98
CA ASP B 30 23.07 -3.21 2.47
C ASP B 30 21.66 -3.58 2.90
N LEU B 31 20.84 -4.00 1.94
CA LEU B 31 19.45 -4.34 2.22
C LEU B 31 19.28 -5.80 2.61
N ASP B 32 20.36 -6.49 2.94
CA ASP B 32 20.25 -7.84 3.47
C ASP B 32 19.58 -7.81 4.85
N GLU B 33 19.28 -9.00 5.36
CA GLU B 33 18.63 -9.15 6.66
C GLU B 33 17.23 -8.53 6.69
N THR B 34 16.82 -7.86 5.61
CA THR B 34 15.51 -7.23 5.56
C THR B 34 14.83 -7.42 4.20
N ILE B 35 15.60 -7.40 3.11
CA ILE B 35 15.01 -7.45 1.77
C ILE B 35 15.61 -8.59 0.95
N ILE B 36 16.90 -8.49 0.63
CA ILE B 36 17.54 -9.46 -0.25
C ILE B 36 17.63 -10.82 0.43
N ILE B 37 18.50 -10.96 1.43
CA ILE B 37 18.61 -12.18 2.22
C ILE B 37 17.75 -11.94 3.46
N PHE B 38 16.46 -12.22 3.33
CA PHE B 38 15.51 -12.05 4.43
C PHE B 38 15.37 -13.37 5.17
N HIS B 39 16.47 -13.76 5.83
CA HIS B 39 16.49 -15.03 6.52
C HIS B 39 15.65 -15.05 7.79
N SER B 40 15.22 -13.88 8.28
CA SER B 40 14.37 -13.86 9.46
C SER B 40 12.96 -14.35 9.16
N LEU B 41 12.51 -14.26 7.90
CA LEU B 41 11.22 -14.80 7.53
C LEU B 41 11.18 -16.30 7.73
N LEU B 42 12.13 -17.02 7.14
CA LEU B 42 12.08 -18.47 7.10
C LEU B 42 12.37 -19.08 8.47
N THR B 43 13.22 -18.45 9.28
CA THR B 43 13.50 -18.97 10.61
C THR B 43 12.36 -18.76 11.58
N GLY B 44 11.43 -17.86 11.27
CA GLY B 44 10.39 -17.51 12.21
C GLY B 44 10.81 -16.51 13.27
N THR B 45 12.07 -16.07 13.24
CA THR B 45 12.54 -15.07 14.20
C THR B 45 11.92 -13.70 13.93
N PHE B 46 11.58 -13.41 12.67
CA PHE B 46 10.88 -12.17 12.36
C PHE B 46 9.50 -12.15 13.01
N ALA B 47 8.74 -13.25 12.87
CA ALA B 47 7.42 -13.31 13.46
C ALA B 47 7.49 -13.25 14.98
N SER B 48 8.53 -13.85 15.56
CA SER B 48 8.68 -13.80 17.01
C SER B 48 9.17 -12.43 17.46
N ARG B 49 10.12 -11.84 16.73
CA ARG B 49 10.66 -10.54 17.13
C ARG B 49 9.61 -9.44 17.01
N TYR B 50 8.80 -9.46 15.95
CA TYR B 50 7.85 -8.40 15.68
C TYR B 50 6.40 -8.81 15.97
N GLY B 51 6.19 -9.98 16.55
CA GLY B 51 4.85 -10.35 17.01
C GLY B 51 3.81 -10.55 15.93
N LYS B 52 4.18 -11.21 14.84
CA LYS B 52 3.25 -11.58 13.79
C LYS B 52 3.04 -13.10 13.81
N ASP B 53 2.19 -13.59 12.90
CA ASP B 53 1.96 -15.02 12.84
C ASP B 53 3.18 -15.74 12.30
N THR B 54 3.62 -16.79 13.00
CA THR B 54 4.81 -17.52 12.59
C THR B 54 4.57 -18.31 11.30
N THR B 55 3.48 -19.08 11.27
CA THR B 55 3.24 -19.97 10.12
C THR B 55 2.95 -19.17 8.85
N THR B 56 2.23 -18.06 8.96
CA THR B 56 1.92 -17.26 7.77
C THR B 56 3.18 -16.64 7.17
N SER B 57 4.10 -16.19 8.03
CA SER B 57 5.31 -15.52 7.55
C SER B 57 6.19 -16.47 6.76
N VAL B 58 6.31 -17.72 7.21
CA VAL B 58 7.16 -18.69 6.51
C VAL B 58 6.59 -19.01 5.14
N ARG B 59 5.26 -19.08 5.01
CA ARG B 59 4.66 -19.42 3.72
C ARG B 59 4.96 -18.33 2.68
N ILE B 60 4.90 -17.06 3.09
CA ILE B 60 5.21 -15.99 2.15
C ILE B 60 6.68 -16.01 1.78
N GLY B 61 7.56 -16.28 2.75
CA GLY B 61 8.97 -16.35 2.43
C GLY B 61 9.32 -17.54 1.58
N LEU B 62 8.60 -18.66 1.76
CA LEU B 62 8.84 -19.83 0.94
C LEU B 62 8.26 -19.68 -0.45
N MET B 63 7.09 -19.04 -0.58
CA MET B 63 6.56 -18.77 -1.92
C MET B 63 7.44 -17.77 -2.67
N MET B 64 7.92 -16.74 -1.97
CA MET B 64 8.80 -15.76 -2.60
C MET B 64 10.07 -16.43 -3.08
N GLU B 65 10.73 -17.21 -2.20
CA GLU B 65 11.99 -17.85 -2.54
C GLU B 65 11.83 -18.82 -3.71
N GLU B 66 10.61 -19.26 -4.01
CA GLU B 66 10.39 -20.14 -5.14
C GLU B 66 10.32 -19.37 -6.45
N MET B 67 9.45 -18.37 -6.52
CA MET B 67 9.29 -17.59 -7.76
C MET B 67 10.56 -16.87 -8.16
N ILE B 68 11.49 -16.65 -7.23
CA ILE B 68 12.81 -16.15 -7.58
C ILE B 68 13.59 -17.22 -8.32
N PHE B 69 13.69 -18.43 -7.73
CA PHE B 69 14.44 -19.51 -8.34
C PHE B 69 13.77 -20.08 -9.58
N ASN B 70 12.44 -19.95 -9.69
CA ASN B 70 11.75 -20.41 -10.90
C ASN B 70 12.00 -19.45 -12.05
N LEU B 71 12.19 -18.16 -11.76
CA LEU B 71 12.50 -17.19 -12.80
C LEU B 71 13.98 -17.19 -13.18
N ALA B 72 14.87 -17.34 -12.19
CA ALA B 72 16.30 -17.27 -12.47
C ALA B 72 16.78 -18.46 -13.30
N ASP B 73 16.17 -19.63 -13.14
CA ASP B 73 16.52 -20.80 -13.93
C ASP B 73 15.91 -20.77 -15.32
N THR B 74 14.82 -20.02 -15.50
CA THR B 74 14.12 -19.94 -16.78
C THR B 74 14.38 -18.63 -17.50
N HIS B 75 15.16 -17.71 -16.92
CA HIS B 75 15.41 -16.43 -17.57
C HIS B 75 16.87 -16.00 -17.46
N LEU B 76 17.52 -16.30 -16.34
CA LEU B 76 18.85 -15.75 -16.06
C LEU B 76 19.94 -16.82 -15.89
N PHE B 77 19.70 -18.05 -16.37
CA PHE B 77 20.72 -19.10 -16.39
C PHE B 77 21.29 -19.35 -14.99
N PHE B 78 20.40 -19.46 -14.01
CA PHE B 78 20.87 -19.62 -12.64
C PHE B 78 21.59 -20.95 -12.44
N ASN B 79 21.04 -22.03 -12.97
CA ASN B 79 21.67 -23.33 -12.88
C ASN B 79 22.90 -23.41 -13.80
N LEU B 81 25.00 -21.09 -13.52
CA LEU B 81 25.90 -20.19 -12.80
C LEU B 81 25.73 -20.35 -11.29
N GLU B 82 25.31 -21.54 -10.86
CA GLU B 82 25.07 -21.77 -9.45
C GLU B 82 26.36 -21.71 -8.64
N ASP B 83 27.37 -22.48 -9.06
CA ASP B 83 28.66 -22.46 -8.39
C ASP B 83 29.57 -21.36 -8.91
N CYS B 84 29.45 -21.03 -10.20
CA CYS B 84 30.25 -19.99 -10.81
C CYS B 84 29.74 -18.60 -10.44
N ASP B 85 29.61 -18.34 -9.14
CA ASP B 85 29.07 -17.07 -8.66
C ASP B 85 30.14 -15.99 -8.80
N GLN B 86 29.96 -15.09 -9.76
CA GLN B 86 30.88 -13.99 -9.97
C GLN B 86 30.60 -12.89 -8.95
N ILE B 87 31.27 -11.74 -9.09
CA ILE B 87 31.11 -10.63 -8.16
C ILE B 87 30.43 -9.44 -8.84
N HIS B 88 30.79 -9.14 -10.08
CA HIS B 88 30.14 -8.11 -10.86
C HIS B 88 29.76 -8.67 -12.22
N VAL B 89 28.68 -8.13 -12.80
CA VAL B 89 28.21 -8.64 -14.08
C VAL B 89 29.16 -8.24 -15.19
N ASP B 90 29.89 -7.13 -15.01
CA ASP B 90 30.84 -6.66 -16.01
C ASP B 90 32.26 -7.17 -15.75
N ASP B 91 32.41 -8.20 -14.91
CA ASP B 91 33.74 -8.72 -14.61
C ASP B 91 34.33 -9.43 -15.83
N VAL B 92 33.53 -10.24 -16.50
CA VAL B 92 34.00 -11.01 -17.66
C VAL B 92 33.65 -10.28 -18.95
N SER B 93 33.58 -8.94 -18.89
CA SER B 93 33.27 -8.14 -20.07
C SER B 93 34.33 -8.22 -21.16
N SER B 94 35.52 -8.75 -20.85
CA SER B 94 36.59 -8.85 -21.83
C SER B 94 36.45 -10.10 -22.72
N ASP B 95 35.87 -11.18 -22.19
CA ASP B 95 35.70 -12.40 -22.96
C ASP B 95 34.47 -12.37 -23.86
N ASP B 96 33.89 -11.19 -24.07
CA ASP B 96 32.72 -11.02 -24.92
C ASP B 96 33.22 -10.68 -26.33
N ASN B 97 33.33 -11.70 -27.16
CA ASN B 97 33.61 -11.51 -28.59
C ASN B 97 32.30 -11.09 -29.25
N GLY B 98 32.02 -9.79 -29.14
CA GLY B 98 30.73 -9.23 -29.50
C GLY B 98 30.13 -9.73 -30.80
N GLN B 99 29.08 -10.55 -30.68
CA GLN B 99 28.41 -11.14 -31.83
C GLN B 99 26.91 -11.10 -31.58
N ASP B 100 26.15 -11.07 -32.68
CA ASP B 100 24.70 -11.07 -32.58
C ASP B 100 24.21 -12.41 -32.05
N LEU B 101 23.59 -12.39 -30.87
CA LEU B 101 23.07 -13.59 -30.22
C LEU B 101 21.56 -13.73 -30.37
N SER B 102 20.96 -13.00 -31.32
CA SER B 102 19.54 -13.18 -31.61
C SER B 102 19.21 -14.57 -32.12
N THR B 103 20.19 -15.29 -32.69
CA THR B 103 20.00 -16.66 -33.12
C THR B 103 20.71 -17.68 -32.23
N TYR B 104 21.57 -17.23 -31.32
CA TYR B 104 22.35 -18.15 -30.50
C TYR B 104 21.44 -18.95 -29.57
N ASN B 105 21.51 -20.27 -29.70
CA ASN B 105 20.76 -21.19 -28.85
C ASN B 105 21.62 -21.50 -27.63
N PHE B 106 21.21 -20.99 -26.46
CA PHE B 106 22.01 -21.18 -25.26
C PHE B 106 22.00 -22.63 -24.79
N SER B 107 20.93 -23.37 -25.12
CA SER B 107 20.78 -24.74 -24.66
C SER B 107 21.69 -25.73 -25.38
N ALA B 108 22.26 -25.36 -26.52
CA ALA B 108 23.08 -26.27 -27.33
C ALA B 108 24.48 -25.70 -27.45
N ASP B 109 25.24 -25.79 -26.37
CA ASP B 109 26.65 -25.45 -26.36
C ASP B 109 27.37 -26.38 -25.39
N GLY B 110 28.67 -26.16 -25.23
CA GLY B 110 29.50 -26.98 -24.36
C GLY B 110 29.41 -26.56 -22.91
N PHE B 111 28.25 -26.03 -22.52
CA PHE B 111 28.05 -25.53 -21.16
C PHE B 111 27.69 -26.67 -20.24
N HIS B 112 28.24 -26.64 -19.02
CA HIS B 112 28.00 -27.71 -18.05
C HIS B 112 28.29 -27.18 -16.65
N SER B 113 27.38 -27.44 -15.72
CA SER B 113 27.51 -27.04 -14.32
C SER B 113 27.79 -25.55 -14.18
N GLY B 129 40.35 -21.65 -20.47
CA GLY B 129 39.11 -21.99 -21.14
C GLY B 129 38.47 -20.82 -21.85
N VAL B 130 39.19 -20.25 -22.83
CA VAL B 130 38.69 -19.09 -23.56
C VAL B 130 37.39 -19.44 -24.30
N ASP B 131 37.25 -20.68 -24.76
CA ASP B 131 36.00 -21.10 -25.41
C ASP B 131 34.91 -21.42 -24.41
N TRP B 132 35.27 -21.66 -23.15
CA TRP B 132 34.27 -21.88 -22.09
C TRP B 132 33.84 -20.57 -21.42
N MET B 133 34.80 -19.69 -21.12
CA MET B 133 34.47 -18.42 -20.49
C MET B 133 33.74 -17.47 -21.43
N ARG B 134 34.01 -17.57 -22.74
CA ARG B 134 33.32 -16.69 -23.69
C ARG B 134 31.83 -16.98 -23.72
N LYS B 135 31.47 -18.27 -23.76
CA LYS B 135 30.05 -18.63 -23.67
C LYS B 135 29.45 -18.21 -22.34
N LEU B 136 30.26 -18.22 -21.27
CA LEU B 136 29.80 -17.75 -19.97
C LEU B 136 29.58 -16.24 -19.98
N ALA B 137 30.46 -15.49 -20.66
CA ALA B 137 30.35 -14.04 -20.65
C ALA B 137 29.16 -13.54 -21.46
N PHE B 138 28.82 -14.23 -22.56
CA PHE B 138 27.67 -13.82 -23.36
C PHE B 138 26.39 -13.85 -22.53
N ARG B 139 26.24 -14.86 -21.66
CA ARG B 139 25.03 -14.97 -20.85
C ARG B 139 24.90 -13.81 -19.88
N TYR B 140 26.01 -13.37 -19.28
CA TYR B 140 25.96 -12.23 -18.38
C TYR B 140 25.58 -10.96 -19.14
N ARG B 141 25.98 -10.87 -20.42
CA ARG B 141 25.48 -9.79 -21.26
C ARG B 141 24.00 -9.98 -21.57
N ARG B 142 23.57 -11.23 -21.75
CA ARG B 142 22.16 -11.51 -21.93
C ARG B 142 21.39 -11.23 -20.64
N VAL B 143 21.99 -11.52 -19.49
CA VAL B 143 21.38 -11.15 -18.20
C VAL B 143 21.21 -9.64 -18.11
N LYS B 144 22.24 -8.88 -18.53
CA LYS B 144 22.11 -7.43 -18.54
C LYS B 144 21.04 -6.97 -19.52
N GLU B 145 20.91 -7.66 -20.65
CA GLU B 145 19.87 -7.31 -21.61
C GLU B 145 18.49 -7.50 -20.99
N MET B 146 18.31 -8.57 -20.22
CA MET B 146 17.05 -8.78 -19.51
C MET B 146 16.81 -7.68 -18.49
N TYR B 147 17.88 -7.23 -17.83
CA TYR B 147 17.75 -6.24 -16.76
C TYR B 147 17.24 -4.92 -17.31
N ASN B 148 17.98 -4.33 -18.25
CA ASN B 148 17.61 -3.03 -18.81
C ASN B 148 16.32 -3.05 -19.59
N THR B 149 15.80 -4.24 -19.91
CA THR B 149 14.57 -4.31 -20.70
C THR B 149 13.32 -4.36 -19.84
N TYR B 150 13.33 -5.16 -18.77
CA TYR B 150 12.13 -5.36 -17.96
C TYR B 150 12.28 -4.79 -16.54
N LYS B 151 13.18 -3.83 -16.34
CA LYS B 151 13.36 -3.28 -15.00
C LYS B 151 12.27 -2.30 -14.60
N ASN B 152 11.56 -1.74 -15.58
CA ASN B 152 10.37 -0.93 -15.31
C ASN B 152 9.09 -1.64 -15.72
N ASN B 153 9.19 -2.89 -16.19
CA ASN B 153 8.03 -3.68 -16.62
C ASN B 153 8.33 -5.15 -16.33
N VAL B 154 8.25 -5.53 -15.04
CA VAL B 154 8.46 -6.93 -14.69
C VAL B 154 7.27 -7.77 -15.12
N GLY B 155 6.06 -7.19 -15.08
CA GLY B 155 4.88 -7.89 -15.54
C GLY B 155 4.96 -8.33 -16.99
N GLY B 156 5.78 -7.65 -17.78
CA GLY B 156 6.05 -8.11 -19.14
C GLY B 156 7.04 -9.24 -19.21
N LEU B 157 7.86 -9.42 -18.17
CA LEU B 157 8.75 -10.58 -18.11
C LEU B 157 7.98 -11.83 -17.69
N ILE B 158 7.44 -11.81 -16.48
CA ILE B 158 6.54 -12.87 -16.02
C ILE B 158 5.13 -12.47 -16.41
N GLY B 159 4.59 -13.13 -17.44
CA GLY B 159 3.26 -12.79 -17.91
C GLY B 159 2.23 -12.97 -16.80
N THR B 160 1.26 -12.07 -16.77
CA THR B 160 0.13 -12.21 -15.87
C THR B 160 -0.61 -13.51 -16.14
N PRO B 161 -1.28 -14.10 -15.14
CA PRO B 161 -1.56 -13.60 -13.79
C PRO B 161 -0.40 -13.78 -12.80
N LYS B 162 0.75 -14.22 -13.28
CA LYS B 162 1.90 -14.42 -12.40
C LYS B 162 2.38 -13.10 -11.79
N ARG B 163 1.90 -11.96 -12.29
CA ARG B 163 2.19 -10.67 -11.69
C ARG B 163 1.18 -10.30 -10.61
N GLU B 164 -0.12 -10.54 -10.88
CA GLU B 164 -1.14 -10.24 -9.88
C GLU B 164 -0.98 -11.10 -8.64
N THR B 165 -0.73 -12.41 -8.83
CA THR B 165 -0.44 -13.29 -7.71
C THR B 165 0.82 -12.82 -6.98
N TRP B 166 1.78 -12.28 -7.72
CA TRP B 166 3.04 -11.84 -7.12
C TRP B 166 2.92 -10.43 -6.55
N LEU B 167 2.13 -9.55 -7.18
CA LEU B 167 1.83 -8.27 -6.56
C LEU B 167 0.90 -8.44 -5.36
N GLN B 168 0.07 -9.50 -5.37
CA GLN B 168 -0.65 -9.85 -4.15
C GLN B 168 0.32 -10.21 -3.03
N LEU B 169 1.45 -10.83 -3.38
CA LEU B 169 2.42 -11.22 -2.36
C LEU B 169 3.10 -10.01 -1.73
N ARG B 170 3.30 -8.93 -2.48
CA ARG B 170 3.93 -7.74 -1.90
C ARG B 170 3.05 -7.16 -0.81
N ALA B 171 1.79 -6.85 -1.14
CA ALA B 171 0.88 -6.30 -0.13
C ALA B 171 0.61 -7.29 0.99
N GLU B 172 0.64 -8.60 0.68
CA GLU B 172 0.45 -9.60 1.72
C GLU B 172 1.60 -9.61 2.72
N LEU B 173 2.81 -9.28 2.27
CA LEU B 173 3.97 -9.24 3.16
C LEU B 173 4.21 -7.85 3.73
N GLU B 174 4.07 -6.81 2.92
CA GLU B 174 4.26 -5.45 3.41
C GLU B 174 3.22 -5.07 4.46
N ALA B 175 2.12 -5.82 4.56
CA ALA B 175 1.18 -5.63 5.65
C ALA B 175 1.70 -6.21 6.96
N LEU B 176 2.69 -7.10 6.90
CA LEU B 176 3.33 -7.64 8.08
C LEU B 176 4.56 -6.85 8.50
N THR B 177 5.28 -6.28 7.53
CA THR B 177 6.48 -5.49 7.78
C THR B 177 6.20 -3.99 7.77
N ASP B 178 4.92 -3.60 7.77
CA ASP B 178 4.51 -2.20 7.86
C ASP B 178 5.08 -1.36 6.71
N LEU B 179 4.92 -1.86 5.48
CA LEU B 179 5.27 -1.14 4.26
C LEU B 179 6.77 -0.78 4.23
N TRP B 180 7.60 -1.81 4.37
CA TRP B 180 9.05 -1.59 4.43
C TRP B 180 9.64 -1.25 3.06
N LEU B 181 9.36 -2.06 2.04
CA LEU B 181 9.96 -1.83 0.74
C LEU B 181 9.49 -0.50 0.14
N THR B 182 8.20 -0.19 0.27
CA THR B 182 7.70 1.10 -0.19
C THR B 182 8.39 2.24 0.54
N HIS B 183 8.58 2.10 1.85
CA HIS B 183 9.24 3.14 2.64
C HIS B 183 10.69 3.30 2.20
N SER B 184 11.40 2.18 2.03
CA SER B 184 12.79 2.25 1.60
C SER B 184 12.91 2.64 0.13
N LEU B 185 11.88 2.36 -0.68
CA LEU B 185 11.90 2.82 -2.06
C LEU B 185 11.78 4.34 -2.14
N LYS B 186 11.08 4.95 -1.18
CA LYS B 186 10.99 6.41 -1.16
C LYS B 186 12.35 7.04 -0.90
N ALA B 187 13.11 6.48 0.04
CA ALA B 187 14.46 6.98 0.30
C ALA B 187 15.37 6.76 -0.90
N LEU B 188 15.12 5.70 -1.67
CA LEU B 188 15.91 5.43 -2.86
C LEU B 188 15.56 6.36 -4.02
N ASN B 189 14.27 6.67 -4.17
CA ASN B 189 13.87 7.57 -5.25
C ASN B 189 14.37 8.99 -5.02
N LEU B 190 14.54 9.39 -3.76
CA LEU B 190 15.14 10.68 -3.45
C LEU B 190 16.64 10.72 -3.66
N ILE B 191 17.28 9.58 -3.88
CA ILE B 191 18.72 9.53 -4.14
C ILE B 191 19.02 9.33 -5.61
N ASN B 192 18.30 8.41 -6.26
CA ASN B 192 18.56 8.15 -7.68
C ASN B 192 18.19 9.36 -8.54
N SER B 193 17.17 10.12 -8.13
CA SER B 193 16.71 11.28 -8.87
C SER B 193 17.65 12.48 -8.74
N ARG B 194 18.58 12.45 -7.80
CA ARG B 194 19.55 13.53 -7.70
C ARG B 194 20.60 13.35 -8.80
N PRO B 195 20.86 14.36 -9.62
CA PRO B 195 21.77 14.15 -10.75
C PRO B 195 23.21 13.98 -10.34
N ASN B 196 23.61 14.52 -9.19
CA ASN B 196 24.97 14.33 -8.69
C ASN B 196 25.11 13.13 -7.77
N CYS B 197 24.00 12.53 -7.36
CA CYS B 197 24.00 11.38 -6.45
C CYS B 197 23.60 10.11 -7.19
N VAL B 198 24.09 8.98 -6.67
CA VAL B 198 23.76 7.66 -7.18
C VAL B 198 23.76 6.71 -5.99
N ASN B 199 23.19 5.53 -6.19
CA ASN B 199 23.16 4.51 -5.14
C ASN B 199 23.65 3.19 -5.71
N VAL B 200 24.41 2.45 -4.88
CA VAL B 200 24.91 1.14 -5.22
C VAL B 200 24.50 0.17 -4.12
N LEU B 201 24.55 -1.11 -4.42
CA LEU B 201 24.14 -2.15 -3.50
C LEU B 201 25.27 -3.14 -3.29
N VAL B 202 25.51 -3.51 -2.04
CA VAL B 202 26.54 -4.46 -1.66
C VAL B 202 25.86 -5.52 -0.81
N THR B 203 25.57 -6.67 -1.41
CA THR B 203 24.93 -7.78 -0.73
C THR B 203 25.87 -8.98 -0.71
N THR B 204 25.51 -9.98 0.09
CA THR B 204 26.30 -11.18 0.22
C THR B 204 25.70 -12.40 -0.48
N THR B 205 24.46 -12.32 -0.97
CA THR B 205 23.93 -13.40 -1.78
C THR B 205 24.71 -13.51 -3.09
N GLN B 206 24.56 -14.64 -3.76
CA GLN B 206 25.18 -14.80 -5.07
C GLN B 206 24.63 -13.77 -6.05
N LEU B 207 25.44 -13.48 -7.08
CA LEU B 207 25.11 -12.38 -7.99
C LEU B 207 23.79 -12.62 -8.71
N ILE B 208 23.58 -13.84 -9.21
CA ILE B 208 22.41 -14.18 -10.00
C ILE B 208 21.13 -14.08 -9.17
N PRO B 209 21.05 -14.70 -7.98
CA PRO B 209 19.83 -14.51 -7.17
C PRO B 209 19.63 -13.07 -6.72
N ALA B 210 20.71 -12.35 -6.43
CA ALA B 210 20.59 -10.94 -6.09
C ALA B 210 20.04 -10.14 -7.27
N LEU B 211 20.49 -10.47 -8.48
CA LEU B 211 19.93 -9.83 -9.67
C LEU B 211 18.46 -10.19 -9.86
N ALA B 212 18.07 -11.41 -9.49
CA ALA B 212 16.67 -11.81 -9.61
C ALA B 212 15.79 -11.05 -8.61
N LYS B 213 16.28 -10.87 -7.38
CA LYS B 213 15.48 -10.18 -6.36
C LYS B 213 15.37 -8.69 -6.68
N VAL B 214 16.50 -8.04 -6.98
CA VAL B 214 16.50 -6.60 -7.26
C VAL B 214 15.58 -6.29 -8.44
N LEU B 215 15.63 -7.12 -9.48
CA LEU B 215 14.75 -6.92 -10.63
C LEU B 215 13.28 -7.09 -10.25
N LEU B 216 12.95 -8.24 -9.64
CA LEU B 216 11.55 -8.54 -9.34
C LEU B 216 10.98 -7.56 -8.33
N TYR B 217 11.62 -7.46 -7.16
CA TYR B 217 11.12 -6.60 -6.07
C TYR B 217 10.91 -5.15 -6.51
N GLY B 218 11.46 -4.75 -7.64
CA GLY B 218 11.28 -3.41 -8.15
C GLY B 218 12.45 -2.49 -7.91
N LEU B 219 13.53 -2.98 -7.31
CA LEU B 219 14.71 -2.17 -7.06
C LEU B 219 15.57 -1.98 -8.30
N GLY B 220 15.14 -2.50 -9.46
CA GLY B 220 15.91 -2.32 -10.67
C GLY B 220 15.82 -0.91 -11.20
N SER B 221 14.68 -0.25 -10.98
CA SER B 221 14.52 1.12 -11.43
C SER B 221 15.45 2.06 -10.70
N VAL B 222 15.79 1.75 -9.45
CA VAL B 222 16.66 2.60 -8.65
C VAL B 222 18.12 2.11 -8.61
N PHE B 223 18.37 0.85 -8.95
CA PHE B 223 19.72 0.31 -8.96
C PHE B 223 20.14 -0.05 -10.38
N PRO B 224 21.06 0.69 -11.00
CA PRO B 224 21.64 0.22 -12.26
C PRO B 224 22.44 -1.06 -12.03
N ILE B 225 22.33 -1.99 -12.98
CA ILE B 225 22.96 -3.31 -12.83
C ILE B 225 24.48 -3.16 -12.74
N GLU B 226 25.02 -2.09 -13.32
CA GLU B 226 26.45 -1.80 -13.24
C GLU B 226 26.88 -1.40 -11.84
N ASN B 227 25.95 -1.27 -10.90
CA ASN B 227 26.22 -0.81 -9.54
C ASN B 227 25.83 -1.87 -8.51
N ILE B 228 26.04 -3.14 -8.83
CA ILE B 228 25.69 -4.24 -7.94
C ILE B 228 26.89 -5.14 -7.76
N TYR B 229 27.29 -5.36 -6.51
CA TYR B 229 28.44 -6.20 -6.18
C TYR B 229 27.99 -7.32 -5.25
N SER B 230 28.55 -8.51 -5.46
CA SER B 230 28.23 -9.69 -4.67
C SER B 230 29.40 -9.96 -3.73
N ALA B 231 29.21 -9.66 -2.45
CA ALA B 231 30.26 -9.84 -1.45
C ALA B 231 30.30 -11.28 -0.96
N THR B 232 29.93 -12.21 -1.83
CA THR B 232 29.82 -13.61 -1.43
C THR B 232 31.19 -14.20 -1.12
N LYS B 233 32.06 -14.27 -2.12
CA LYS B 233 33.38 -14.87 -1.94
C LYS B 233 34.43 -13.91 -1.40
N THR B 234 34.20 -12.61 -1.51
CA THR B 234 35.21 -11.62 -1.18
C THR B 234 34.99 -10.88 0.13
N GLY B 235 33.79 -10.93 0.69
CA GLY B 235 33.48 -10.15 1.87
C GLY B 235 33.06 -8.74 1.53
N LYS B 236 32.36 -8.10 2.47
CA LYS B 236 31.78 -6.79 2.20
C LYS B 236 32.82 -5.68 2.17
N GLU B 237 33.97 -5.87 2.83
CA GLU B 237 35.01 -4.83 2.79
C GLU B 237 35.63 -4.69 1.41
N SER B 238 36.01 -5.82 0.81
CA SER B 238 36.65 -5.77 -0.50
C SER B 238 35.74 -5.17 -1.56
N CYS B 239 34.42 -5.38 -1.42
CA CYS B 239 33.48 -4.72 -2.31
C CYS B 239 33.38 -3.23 -2.01
N PHE B 240 33.56 -2.83 -0.75
CA PHE B 240 33.61 -1.41 -0.42
C PHE B 240 34.84 -0.75 -1.03
N GLU B 241 36.00 -1.37 -0.85
CA GLU B 241 37.22 -0.84 -1.44
C GLU B 241 37.12 -0.82 -2.96
N ARG B 242 36.47 -1.83 -3.53
CA ARG B 242 36.30 -1.89 -4.98
C ARG B 242 35.38 -0.79 -5.49
N ILE B 243 34.43 -0.34 -4.66
CA ILE B 243 33.56 0.77 -5.06
C ILE B 243 34.35 2.08 -5.04
N MET B 244 35.09 2.32 -3.96
CA MET B 244 35.87 3.54 -3.87
C MET B 244 36.99 3.56 -4.90
N GLN B 245 37.60 2.39 -5.14
CA GLN B 245 38.63 2.29 -6.17
C GLN B 245 38.06 2.58 -7.56
N ARG B 246 36.77 2.29 -7.75
CA ARG B 246 36.14 2.57 -9.04
C ARG B 246 35.79 4.04 -9.18
N PHE B 247 35.25 4.66 -8.13
CA PHE B 247 34.83 6.06 -8.18
C PHE B 247 35.92 7.05 -7.81
N GLY B 248 37.04 6.60 -7.26
CA GLY B 248 38.10 7.51 -6.90
C GLY B 248 37.95 8.02 -5.48
N ARG B 249 38.74 9.04 -5.16
CA ARG B 249 38.79 9.59 -3.82
C ARG B 249 38.05 10.91 -3.66
N LYS B 250 37.66 11.55 -4.76
CA LYS B 250 37.02 12.86 -4.70
C LYS B 250 35.52 12.80 -4.40
N ALA B 251 34.98 11.62 -4.07
CA ALA B 251 33.56 11.45 -3.89
C ALA B 251 33.21 11.27 -2.42
N VAL B 252 31.94 11.48 -2.11
CA VAL B 252 31.40 11.33 -0.75
C VAL B 252 30.74 9.96 -0.68
N TYR B 253 31.32 9.06 0.11
CA TYR B 253 30.77 7.72 0.27
C TYR B 253 30.00 7.62 1.59
N VAL B 254 28.76 7.17 1.51
CA VAL B 254 27.91 6.96 2.68
C VAL B 254 27.43 5.51 2.64
N VAL B 255 27.51 4.83 3.77
CA VAL B 255 27.06 3.44 3.88
C VAL B 255 25.73 3.43 4.62
N ILE B 256 24.74 2.79 4.03
CA ILE B 256 23.39 2.70 4.59
C ILE B 256 23.04 1.22 4.62
N GLY B 257 23.00 0.65 5.82
CA GLY B 257 22.66 -0.76 5.89
C GLY B 257 22.26 -1.16 7.29
N ASP B 258 22.02 -2.45 7.46
CA ASP B 258 21.59 -3.04 8.71
C ASP B 258 22.55 -4.17 9.07
N GLY B 259 22.78 -4.35 10.36
CA GLY B 259 23.60 -5.45 10.81
C GLY B 259 24.98 -4.99 11.24
N VAL B 260 25.90 -5.95 11.26
CA VAL B 260 27.26 -5.70 11.72
C VAL B 260 28.30 -5.89 10.62
N GLU B 261 27.95 -6.54 9.51
CA GLU B 261 28.91 -6.71 8.43
C GLU B 261 29.25 -5.35 7.81
N GLU B 262 28.26 -4.48 7.66
CA GLU B 262 28.47 -3.17 7.06
C GLU B 262 28.88 -2.13 8.07
N GLU B 263 28.79 -2.43 9.38
CA GLU B 263 29.27 -1.49 10.39
C GLU B 263 30.79 -1.46 10.44
N GLN B 264 31.42 -2.65 10.48
CA GLN B 264 32.87 -2.70 10.46
C GLN B 264 33.44 -2.34 9.10
N GLY B 265 32.72 -2.69 8.03
CA GLY B 265 33.18 -2.32 6.70
C GLY B 265 33.16 -0.83 6.44
N ALA B 266 32.25 -0.12 7.11
CA ALA B 266 32.20 1.34 7.00
C ALA B 266 33.08 2.02 8.04
N LYS B 267 33.38 1.35 9.15
CA LYS B 267 34.23 1.94 10.18
C LYS B 267 35.69 1.91 9.75
N LYS B 268 36.17 0.75 9.31
CA LYS B 268 37.55 0.62 8.86
C LYS B 268 37.82 1.34 7.55
N HIS B 269 36.80 1.93 6.93
CA HIS B 269 37.00 2.79 5.75
C HIS B 269 36.52 4.22 5.99
N ASN B 270 36.31 4.62 7.25
CA ASN B 270 35.94 5.98 7.62
C ASN B 270 34.72 6.46 6.83
N MET B 271 33.80 5.56 6.58
CA MET B 271 32.57 5.90 5.88
C MET B 271 31.44 6.09 6.89
N PRO B 272 30.71 7.19 6.83
CA PRO B 272 29.60 7.39 7.78
C PRO B 272 28.56 6.30 7.60
N PHE B 273 28.39 5.50 8.66
CA PHE B 273 27.44 4.40 8.61
C PHE B 273 26.05 4.91 8.99
N TRP B 274 25.05 4.53 8.21
CA TRP B 274 23.66 4.91 8.44
C TRP B 274 22.87 3.63 8.68
N ARG B 275 22.62 3.33 9.95
CA ARG B 275 21.82 2.17 10.31
C ARG B 275 20.41 2.29 9.75
N ILE B 276 19.80 1.14 9.50
CA ILE B 276 18.53 1.06 8.80
C ILE B 276 17.64 0.00 9.42
N SER B 277 17.93 -0.37 10.67
CA SER B 277 17.23 -1.45 11.35
C SER B 277 15.73 -1.22 11.52
N CYS B 278 15.35 -0.25 12.33
CA CYS B 278 13.94 -0.01 12.65
C CYS B 278 13.24 0.75 11.52
N HIS B 279 11.92 0.84 11.63
CA HIS B 279 11.16 1.63 10.66
C HIS B 279 11.38 3.12 10.88
N ALA B 280 11.59 3.54 12.12
CA ALA B 280 11.85 4.95 12.42
C ALA B 280 13.25 5.37 12.04
N ASP B 281 14.19 4.43 11.96
CA ASP B 281 15.52 4.76 11.46
C ASP B 281 15.50 5.13 9.99
N LEU B 282 14.48 4.68 9.25
CA LEU B 282 14.33 5.07 7.85
C LEU B 282 13.70 6.45 7.70
N GLU B 283 12.75 6.79 8.57
CA GLU B 283 12.12 8.11 8.51
C GLU B 283 13.16 9.22 8.71
N ALA B 284 14.17 8.97 9.53
CA ALA B 284 15.22 9.97 9.71
C ALA B 284 16.12 10.09 8.50
N LEU B 285 16.36 8.98 7.79
CA LEU B 285 17.19 9.05 6.59
C LEU B 285 16.49 9.81 5.47
N ARG B 286 15.18 9.60 5.31
CA ARG B 286 14.44 10.37 4.32
C ARG B 286 14.45 11.85 4.63
N HIS B 287 14.42 12.21 5.93
CA HIS B 287 14.47 13.62 6.30
CA HIS B 287 14.47 13.62 6.30
C HIS B 287 15.79 14.25 5.86
N ALA B 288 16.91 13.59 6.13
CA ALA B 288 18.20 14.08 5.68
C ALA B 288 18.29 14.09 4.15
N LEU B 289 17.44 13.34 3.47
CA LEU B 289 17.39 13.38 2.01
C LEU B 289 16.35 14.36 1.48
N GLU B 290 15.21 14.51 2.15
CA GLU B 290 14.29 15.58 1.76
C GLU B 290 14.92 16.96 1.98
N LEU B 291 15.63 17.12 3.09
CA LEU B 291 16.19 18.42 3.46
C LEU B 291 17.64 18.58 3.02
N GLU B 292 18.11 17.71 2.13
CA GLU B 292 19.44 17.84 1.50
C GLU B 292 20.57 17.90 2.54
N TYR B 293 20.37 17.30 3.71
CA TYR B 293 21.44 17.23 4.69
C TYR B 293 22.57 16.32 4.24
N LEU B 294 22.34 15.50 3.22
CA LEU B 294 23.36 14.64 2.65
C LEU B 294 23.66 15.05 1.21
#